data_2O9Q
#
_entry.id   2O9Q
#
_cell.length_a   46.016
_cell.length_b   63.451
_cell.length_c   69.684
_cell.angle_alpha   90.000
_cell.angle_beta   90.000
_cell.angle_gamma   90.000
#
_symmetry.space_group_name_H-M   'P 21 21 21'
#
loop_
_entity.id
_entity.type
_entity.pdbx_description
1 polymer 'Cationic trypsin'
2 polymer ORB2K
3 non-polymer 'CALCIUM ION'
4 non-polymer 'SULFATE ION'
5 water water
#
loop_
_entity_poly.entity_id
_entity_poly.type
_entity_poly.pdbx_seq_one_letter_code
_entity_poly.pdbx_strand_id
1 'polypeptide(L)'
;IVGGYTCGANTVPYQVSLNSGYHFCGGSLINSQWVVSAAHCYKSGIQVRLGEDNINVVEGNEQFISASKSIVHPSYNSNT
LNNDIMLIKLKSAASLNSRVASISLPTSCASAGTQCLISGWGNTKSSGTSYPDVLKCLKAPILSDSSCKSAYPGQITSNM
FCAGYLEGGKDSCQGDSGGPVVCSGKLQGIVSWGSGCAQKNKPGVYTKVCNYVSWIKQTIASN
;
A
2 'polypeptide(L)' LKGCWTKSIPPKPCFGK C
#
# COMPACT_ATOMS: atom_id res chain seq x y z
N ILE A 1 5.59 0.64 9.30
CA ILE A 1 6.90 0.28 8.71
C ILE A 1 7.85 -0.05 9.84
N VAL A 2 8.41 -1.25 9.81
CA VAL A 2 9.40 -1.71 10.81
C VAL A 2 10.79 -1.55 10.22
N GLY A 3 11.70 -0.96 10.99
CA GLY A 3 13.10 -0.78 10.56
C GLY A 3 13.31 0.28 9.50
N GLY A 4 12.36 1.20 9.38
CA GLY A 4 12.45 2.27 8.40
C GLY A 4 13.00 3.56 8.97
N TYR A 5 12.72 4.67 8.29
CA TYR A 5 13.20 5.98 8.70
C TYR A 5 12.14 7.02 8.39
N THR A 6 12.24 8.18 9.02
CA THR A 6 11.33 9.29 8.75
C THR A 6 11.56 9.81 7.33
N CYS A 7 10.52 9.75 6.50
CA CYS A 7 10.64 10.13 5.09
C CYS A 7 11.10 11.57 4.93
N GLY A 8 10.49 12.46 5.73
CA GLY A 8 10.62 13.90 5.55
C GLY A 8 9.28 14.40 5.04
N ALA A 9 8.80 15.50 5.62
CA ALA A 9 7.50 16.05 5.26
C ALA A 9 7.30 16.20 3.74
N ASN A 10 6.20 15.59 3.27
CA ASN A 10 5.73 15.70 1.88
C ASN A 10 6.70 15.21 0.79
N THR A 11 7.69 14.41 1.19
CA THR A 11 8.63 13.81 0.24
C THR A 11 8.01 12.64 -0.52
N VAL A 12 6.84 12.20 -0.07
CA VAL A 12 6.08 11.14 -0.74
C VAL A 12 4.68 11.70 -1.00
N PRO A 13 4.58 12.66 -1.95
CA PRO A 13 3.36 13.45 -2.07
C PRO A 13 2.15 12.70 -2.63
N TYR A 14 2.37 11.49 -3.14
CA TYR A 14 1.29 10.64 -3.62
C TYR A 14 0.73 9.76 -2.49
N GLN A 15 1.40 9.74 -1.35
CA GLN A 15 0.94 8.93 -0.20
C GLN A 15 -0.28 9.55 0.45
N VAL A 16 -1.34 8.76 0.60
CA VAL A 16 -2.52 9.21 1.35
C VAL A 16 -2.78 8.30 2.56
N SER A 17 -3.56 8.82 3.52
CA SER A 17 -4.05 8.05 4.65
C SER A 17 -5.55 7.85 4.48
N LEU A 18 -6.01 6.61 4.68
CA LEU A 18 -7.42 6.28 4.68
C LEU A 18 -7.89 6.29 6.12
N ASN A 19 -8.97 7.04 6.36
CA ASN A 19 -9.40 7.34 7.71
C ASN A 19 -10.89 7.06 7.88
N SER A 20 -11.23 6.37 8.98
CA SER A 20 -12.61 6.13 9.36
C SER A 20 -12.79 6.40 10.86
N GLY A 21 -12.29 7.55 11.30
CA GLY A 21 -12.25 7.88 12.74
C GLY A 21 -10.90 7.51 13.34
N TYR A 22 -10.05 6.93 12.49
CA TYR A 22 -8.68 6.52 12.82
C TYR A 22 -8.03 6.15 11.48
N HIS A 23 -6.71 6.26 11.40
CA HIS A 23 -5.98 5.76 10.24
C HIS A 23 -6.02 4.23 10.17
N PHE A 24 -6.44 3.67 9.04
CA PHE A 24 -6.53 2.19 8.93
C PHE A 24 -5.79 1.58 7.76
N CYS A 25 -5.51 2.40 6.73
CA CYS A 25 -4.79 1.93 5.55
C CYS A 25 -4.16 3.11 4.86
N GLY A 26 -3.24 2.81 3.95
CA GLY A 26 -2.65 3.80 3.06
C GLY A 26 -3.25 3.69 1.66
N GLY A 27 -2.78 4.57 0.78
CA GLY A 27 -3.17 4.57 -0.63
C GLY A 27 -2.19 5.43 -1.40
N SER A 28 -2.30 5.39 -2.73
CA SER A 28 -1.46 6.20 -3.62
C SER A 28 -2.34 6.98 -4.60
N LEU A 29 -2.14 8.29 -4.66
CA LEU A 29 -2.89 9.13 -5.61
C LEU A 29 -2.35 8.87 -7.01
N ILE A 30 -3.23 8.54 -7.94
CA ILE A 30 -2.78 8.32 -9.33
C ILE A 30 -3.30 9.35 -10.35
N ASN A 31 -4.37 10.05 -9.99
CA ASN A 31 -4.77 11.31 -10.66
C ASN A 31 -5.56 12.15 -9.65
N SER A 32 -6.00 13.33 -10.04
CA SER A 32 -6.66 14.22 -9.08
C SER A 32 -7.93 13.63 -8.45
N GLN A 33 -8.48 12.58 -9.06
CA GLN A 33 -9.76 12.02 -8.57
C GLN A 33 -9.71 10.57 -8.10
N TRP A 34 -8.55 9.94 -8.21
CA TRP A 34 -8.45 8.50 -8.00
C TRP A 34 -7.24 8.08 -7.17
N VAL A 35 -7.51 7.19 -6.23
CA VAL A 35 -6.50 6.59 -5.36
C VAL A 35 -6.47 5.07 -5.57
N VAL A 36 -5.27 4.50 -5.66
CA VAL A 36 -5.07 3.04 -5.66
C VAL A 36 -4.79 2.58 -4.22
N SER A 37 -5.47 1.52 -3.77
CA SER A 37 -5.20 0.95 -2.45
C SER A 37 -5.37 -0.58 -2.55
N ALA A 38 -5.45 -1.26 -1.42
CA ALA A 38 -5.66 -2.71 -1.38
C ALA A 38 -7.15 -3.01 -1.22
N ALA A 39 -7.63 -4.07 -1.87
CA ALA A 39 -9.04 -4.44 -1.77
C ALA A 39 -9.43 -4.83 -0.33
N HIS A 40 -8.49 -5.35 0.46
CA HIS A 40 -8.86 -5.72 1.83
C HIS A 40 -9.06 -4.50 2.73
N CYS A 41 -8.71 -3.31 2.23
CA CYS A 41 -8.96 -2.05 2.93
C CYS A 41 -10.38 -1.55 2.68
N TYR A 42 -11.14 -2.27 1.88
CA TYR A 42 -12.51 -1.85 1.55
C TYR A 42 -13.38 -1.68 2.78
N LYS A 43 -14.12 -0.59 2.82
CA LYS A 43 -15.20 -0.40 3.80
C LYS A 43 -16.01 0.81 3.35
N SER A 44 -17.21 0.96 3.91
CA SER A 44 -18.02 2.15 3.68
CA SER A 44 -17.98 2.17 3.64
C SER A 44 -17.46 3.30 4.50
N GLY A 45 -17.71 4.53 4.05
CA GLY A 45 -17.37 5.72 4.83
C GLY A 45 -15.89 6.03 4.92
N ILE A 46 -15.17 5.81 3.83
CA ILE A 46 -13.73 6.13 3.80
C ILE A 46 -13.52 7.62 3.54
N GLN A 47 -12.68 8.25 4.37
CA GLN A 47 -12.19 9.59 4.12
C GLN A 47 -10.73 9.50 3.72
N VAL A 48 -10.39 10.11 2.60
CA VAL A 48 -9.01 10.13 2.10
C VAL A 48 -8.34 11.40 2.60
N ARG A 49 -7.15 11.25 3.18
CA ARG A 49 -6.43 12.42 3.71
C ARG A 49 -5.13 12.60 2.94
N LEU A 50 -5.07 13.72 2.21
CA LEU A 50 -3.96 14.02 1.30
C LEU A 50 -3.11 15.15 1.84
N GLY A 51 -1.84 15.17 1.45
CA GLY A 51 -0.89 16.20 1.88
C GLY A 51 -0.45 16.08 3.33
N GLU A 52 -0.53 14.87 3.89
CA GLU A 52 -0.23 14.62 5.30
C GLU A 52 1.23 14.30 5.54
N ASP A 53 1.76 14.79 6.68
CA ASP A 53 2.96 14.19 7.22
C ASP A 53 2.64 13.65 8.60
N ASN A 54 2.43 14.54 9.58
CA ASN A 54 1.95 14.12 10.89
C ASN A 54 0.44 13.95 10.82
N ILE A 55 -0.04 12.70 10.88
CA ILE A 55 -1.49 12.45 10.76
C ILE A 55 -2.30 12.78 12.02
N ASN A 56 -1.58 13.11 13.11
CA ASN A 56 -2.19 13.36 14.42
C ASN A 56 -2.23 14.85 14.82
N VAL A 57 -1.82 15.70 13.88
CA VAL A 57 -1.86 17.17 14.05
C VAL A 57 -2.33 17.81 12.75
N VAL A 58 -3.28 18.74 12.84
CA VAL A 58 -3.78 19.46 11.67
C VAL A 58 -2.99 20.76 11.49
N GLU A 59 -2.31 20.88 10.36
CA GLU A 59 -1.51 22.07 10.09
C GLU A 59 -2.25 23.09 9.21
N GLY A 60 -3.13 22.59 8.36
CA GLY A 60 -3.97 23.45 7.54
C GLY A 60 -3.81 23.25 6.05
N ASN A 61 -2.78 22.52 5.63
CA ASN A 61 -2.60 22.25 4.19
C ASN A 61 -3.00 20.83 3.78
N GLU A 62 -3.52 20.06 4.72
CA GLU A 62 -4.13 18.77 4.40
C GLU A 62 -5.42 18.96 3.61
N GLN A 63 -5.73 17.98 2.76
CA GLN A 63 -7.05 17.92 2.13
C GLN A 63 -7.75 16.64 2.57
N PHE A 64 -8.91 16.78 3.22
CA PHE A 64 -9.70 15.64 3.66
C PHE A 64 -10.88 15.51 2.70
N ILE A 65 -10.94 14.42 1.94
CA ILE A 65 -11.99 14.26 0.94
C ILE A 65 -12.58 12.87 1.05
N SER A 66 -13.90 12.80 1.09
CA SER A 66 -14.59 11.50 1.21
C SER A 66 -14.46 10.69 -0.09
N ALA A 67 -14.43 9.37 0.05
CA ALA A 67 -14.55 8.48 -1.11
C ALA A 67 -16.00 8.41 -1.56
N SER A 68 -16.24 8.68 -2.84
CA SER A 68 -17.57 8.52 -3.41
C SER A 68 -17.79 7.10 -3.93
N LYS A 69 -16.70 6.42 -4.32
CA LYS A 69 -16.74 5.02 -4.79
C LYS A 69 -15.49 4.32 -4.27
N SER A 70 -15.66 3.08 -3.86
CA SER A 70 -14.53 2.21 -3.56
C SER A 70 -14.76 0.89 -4.31
N ILE A 71 -13.95 0.67 -5.34
CA ILE A 71 -14.15 -0.43 -6.30
C ILE A 71 -13.05 -1.48 -6.16
N VAL A 72 -13.37 -2.61 -5.54
CA VAL A 72 -12.40 -3.69 -5.44
C VAL A 72 -12.25 -4.38 -6.80
N HIS A 73 -11.09 -4.98 -7.04
CA HIS A 73 -10.95 -5.77 -8.25
C HIS A 73 -12.05 -6.84 -8.27
N PRO A 74 -12.69 -7.04 -9.43
CA PRO A 74 -13.82 -7.97 -9.44
C PRO A 74 -13.45 -9.41 -9.12
N SER A 75 -12.16 -9.74 -9.22
CA SER A 75 -11.69 -11.09 -8.87
C SER A 75 -10.91 -11.12 -7.55
N TYR A 76 -11.06 -10.07 -6.75
CA TYR A 76 -10.49 -10.09 -5.40
C TYR A 76 -11.03 -11.29 -4.61
N ASN A 77 -10.13 -11.92 -3.85
CA ASN A 77 -10.49 -13.04 -3.00
C ASN A 77 -9.92 -12.83 -1.59
N SER A 78 -10.80 -12.71 -0.61
CA SER A 78 -10.38 -12.34 0.75
C SER A 78 -9.70 -13.48 1.52
N ASN A 79 -9.72 -14.69 0.96
CA ASN A 79 -9.05 -15.82 1.60
C ASN A 79 -7.60 -15.92 1.13
N THR A 80 -7.41 -15.88 -0.18
CA THR A 80 -6.09 -16.00 -0.78
C THR A 80 -5.38 -14.65 -0.92
N LEU A 81 -6.16 -13.58 -0.86
CA LEU A 81 -5.70 -12.21 -1.15
C LEU A 81 -5.19 -12.00 -2.59
N ASN A 82 -5.57 -12.90 -3.50
CA ASN A 82 -5.29 -12.68 -4.93
C ASN A 82 -6.09 -11.46 -5.40
N ASN A 83 -5.50 -10.69 -6.32
CA ASN A 83 -6.13 -9.48 -6.86
C ASN A 83 -6.46 -8.45 -5.76
N ASP A 84 -5.50 -8.21 -4.87
CA ASP A 84 -5.71 -7.32 -3.73
C ASP A 84 -5.47 -5.87 -4.15
N ILE A 85 -6.39 -5.33 -4.94
CA ILE A 85 -6.26 -3.98 -5.45
C ILE A 85 -7.65 -3.35 -5.50
N MET A 86 -7.69 -2.06 -5.17
CA MET A 86 -8.93 -1.31 -5.08
C MET A 86 -8.67 0.09 -5.59
N LEU A 87 -9.66 0.64 -6.31
CA LEU A 87 -9.65 2.03 -6.76
C LEU A 87 -10.68 2.82 -5.98
N ILE A 88 -10.25 3.94 -5.41
CA ILE A 88 -11.14 4.83 -4.69
C ILE A 88 -11.30 6.11 -5.50
N LYS A 89 -12.55 6.48 -5.81
CA LYS A 89 -12.82 7.79 -6.43
C LYS A 89 -13.13 8.79 -5.33
N LEU A 90 -12.51 9.97 -5.43
CA LEU A 90 -12.74 11.07 -4.49
C LEU A 90 -14.00 11.82 -4.87
N LYS A 91 -14.78 12.22 -3.86
CA LYS A 91 -16.04 12.95 -4.07
C LYS A 91 -15.84 14.28 -4.82
N SER A 92 -14.68 14.91 -4.58
CA SER A 92 -14.22 16.09 -5.32
C SER A 92 -12.78 15.89 -5.72
N ALA A 93 -12.36 16.51 -6.82
CA ALA A 93 -10.95 16.40 -7.23
C ALA A 93 -10.04 16.99 -6.16
N ALA A 94 -8.92 16.32 -5.90
CA ALA A 94 -7.88 16.89 -5.05
C ALA A 94 -7.25 18.06 -5.78
N SER A 95 -6.75 19.02 -5.03
CA SER A 95 -6.00 20.13 -5.62
C SER A 95 -4.51 19.77 -5.56
N LEU A 96 -3.91 19.57 -6.73
CA LEU A 96 -2.51 19.16 -6.80
C LEU A 96 -1.60 20.31 -6.47
N ASN A 97 -0.54 20.04 -5.72
CA ASN A 97 0.45 21.04 -5.35
C ASN A 97 1.75 20.34 -4.99
N SER A 98 2.64 21.03 -4.28
CA SER A 98 3.93 20.45 -3.91
C SER A 98 3.79 19.25 -2.98
N ARG A 99 2.70 19.21 -2.21
CA ARG A 99 2.50 18.17 -1.20
C ARG A 99 1.50 17.11 -1.67
N VAL A 100 0.85 17.37 -2.79
CA VAL A 100 -0.20 16.49 -3.31
C VAL A 100 0.03 16.30 -4.80
N ALA A 101 0.47 15.10 -5.17
CA ALA A 101 0.87 14.84 -6.54
C ALA A 101 0.65 13.37 -6.83
N SER A 102 0.42 13.04 -8.09
CA SER A 102 0.16 11.66 -8.48
CA SER A 102 0.16 11.67 -8.50
C SER A 102 1.45 10.90 -8.76
N ILE A 103 1.38 9.59 -8.60
CA ILE A 103 2.48 8.68 -8.93
C ILE A 103 2.16 7.96 -10.23
N SER A 104 3.16 7.88 -11.11
CA SER A 104 3.02 7.25 -12.40
C SER A 104 2.78 5.74 -12.28
N LEU A 105 1.91 5.23 -13.13
CA LEU A 105 1.71 3.79 -13.24
C LEU A 105 2.84 3.20 -14.08
N PRO A 106 3.16 1.91 -13.86
CA PRO A 106 4.24 1.32 -14.65
C PRO A 106 3.80 1.05 -16.08
N THR A 107 4.77 0.97 -17.00
CA THR A 107 4.52 0.50 -18.37
C THR A 107 5.08 -0.91 -18.55
N SER A 108 5.99 -1.30 -17.67
CA SER A 108 6.48 -2.67 -17.63
C SER A 108 6.69 -3.08 -16.17
N CYS A 109 6.69 -4.39 -15.93
CA CYS A 109 6.90 -4.92 -14.59
C CYS A 109 8.34 -4.72 -14.14
N ALA A 110 8.53 -4.77 -12.81
CA ALA A 110 9.87 -4.72 -12.23
C ALA A 110 10.45 -6.11 -12.07
N SER A 111 11.72 -6.17 -11.72
CA SER A 111 12.44 -7.46 -11.64
C SER A 111 13.08 -7.64 -10.29
N ALA A 112 13.39 -8.90 -9.95
CA ALA A 112 14.09 -9.20 -8.68
C ALA A 112 15.35 -8.35 -8.58
N GLY A 113 15.64 -7.86 -7.38
CA GLY A 113 16.84 -7.07 -7.11
C GLY A 113 16.63 -5.56 -7.18
N THR A 114 15.57 -5.15 -7.87
CA THR A 114 15.21 -3.73 -7.96
C THR A 114 14.89 -3.20 -6.57
N GLN A 115 15.49 -2.06 -6.22
CA GLN A 115 15.22 -1.41 -4.94
C GLN A 115 14.01 -0.48 -5.06
N CYS A 116 13.10 -0.59 -4.11
CA CYS A 116 11.88 0.20 -4.10
C CYS A 116 11.69 0.91 -2.79
N LEU A 117 10.90 1.98 -2.81
CA LEU A 117 10.57 2.76 -1.62
C LEU A 117 9.15 2.41 -1.17
N ILE A 118 9.05 1.98 0.08
CA ILE A 118 7.78 1.59 0.68
C ILE A 118 7.51 2.55 1.84
N SER A 119 6.28 3.03 1.95
CA SER A 119 5.99 4.05 2.96
C SER A 119 4.65 3.85 3.61
N GLY A 120 4.48 4.42 4.80
CA GLY A 120 3.23 4.29 5.54
C GLY A 120 3.30 4.72 6.99
N TRP A 121 2.11 4.77 7.61
CA TRP A 121 1.98 5.16 9.02
C TRP A 121 1.68 3.93 9.88
N GLY A 122 2.09 2.77 9.38
CA GLY A 122 1.83 1.50 10.05
C GLY A 122 2.70 1.26 11.26
N ASN A 123 2.42 0.14 11.94
CA ASN A 123 3.17 -0.28 13.14
C ASN A 123 4.67 -0.27 12.86
N THR A 124 5.44 0.23 13.83
CA THR A 124 6.89 0.29 13.69
C THR A 124 7.58 -0.82 14.49
N LYS A 125 6.78 -1.65 15.16
CA LYS A 125 7.28 -2.79 15.95
C LYS A 125 6.83 -4.14 15.39
N SER A 126 7.75 -5.12 15.44
CA SER A 126 7.49 -6.49 14.98
C SER A 126 6.82 -7.34 16.07
N SER A 127 7.00 -6.92 17.32
CA SER A 127 6.29 -7.53 18.43
C SER A 127 5.79 -6.39 19.30
N GLY A 128 4.49 -6.37 19.54
CA GLY A 128 3.88 -5.23 20.22
C GLY A 128 3.47 -4.20 19.18
N THR A 129 3.19 -2.99 19.65
CA THR A 129 2.57 -1.99 18.79
C THR A 129 3.08 -0.59 19.11
N SER A 130 3.46 0.15 18.07
CA SER A 130 3.79 1.56 18.18
C SER A 130 3.46 2.22 16.86
N TYR A 131 2.62 3.23 16.89
CA TYR A 131 2.16 3.89 15.66
C TYR A 131 2.74 5.29 15.57
N PRO A 132 3.41 5.60 14.46
CA PRO A 132 4.11 6.87 14.34
C PRO A 132 3.17 8.03 14.02
N ASP A 133 3.58 9.24 14.38
CA ASP A 133 2.88 10.44 13.95
C ASP A 133 3.17 10.75 12.48
N VAL A 134 4.45 10.70 12.13
CA VAL A 134 4.91 11.12 10.80
C VAL A 134 5.18 9.94 9.86
N LEU A 135 5.19 10.21 8.55
CA LEU A 135 5.32 9.15 7.56
C LEU A 135 6.69 8.46 7.62
N LYS A 136 6.66 7.13 7.59
CA LYS A 136 7.88 6.33 7.60
C LYS A 136 8.16 5.71 6.24
N CYS A 137 9.45 5.53 5.96
CA CYS A 137 9.95 5.06 4.67
C CYS A 137 10.87 3.88 4.83
N LEU A 138 10.87 3.00 3.84
CA LEU A 138 11.75 1.84 3.83
C LEU A 138 12.21 1.53 2.42
N LYS A 139 13.52 1.43 2.23
CA LYS A 139 14.06 0.96 0.97
C LYS A 139 14.16 -0.57 1.05
N ALA A 140 13.63 -1.26 0.05
CA ALA A 140 13.63 -2.73 0.05
C ALA A 140 13.70 -3.30 -1.35
N PRO A 141 14.46 -4.39 -1.53
CA PRO A 141 14.54 -5.01 -2.85
C PRO A 141 13.41 -6.03 -3.12
N ILE A 142 12.99 -6.10 -4.36
CA ILE A 142 12.11 -7.19 -4.80
C ILE A 142 12.93 -8.48 -4.78
N LEU A 143 12.34 -9.51 -4.18
CA LEU A 143 13.01 -10.80 -4.05
C LEU A 143 12.63 -11.72 -5.19
N SER A 144 13.44 -12.74 -5.42
CA SER A 144 13.14 -13.72 -6.46
C SER A 144 11.84 -14.47 -6.15
N ASP A 145 11.18 -14.95 -7.20
CA ASP A 145 10.04 -15.86 -7.07
C ASP A 145 10.39 -17.04 -6.17
N SER A 146 11.60 -17.59 -6.34
CA SER A 146 12.02 -18.74 -5.55
C SER A 146 12.04 -18.42 -4.05
N SER A 147 12.60 -17.26 -3.70
CA SER A 147 12.65 -16.84 -2.30
C SER A 147 11.23 -16.66 -1.76
N CYS A 148 10.38 -16.03 -2.58
CA CYS A 148 9.01 -15.73 -2.18
C CYS A 148 8.20 -17.02 -1.95
N LYS A 149 8.30 -17.95 -2.90
CA LYS A 149 7.58 -19.22 -2.79
C LYS A 149 8.07 -20.13 -1.69
N SER A 150 9.36 -20.04 -1.35
CA SER A 150 9.91 -20.79 -0.22
CA SER A 150 9.90 -20.80 -0.21
C SER A 150 9.35 -20.25 1.09
N ALA A 151 9.26 -18.92 1.18
CA ALA A 151 8.71 -18.27 2.36
C ALA A 151 7.22 -18.55 2.52
N TYR A 152 6.48 -18.61 1.41
CA TYR A 152 5.02 -18.71 1.45
C TYR A 152 4.47 -19.86 0.59
N PRO A 153 4.81 -21.11 0.98
CA PRO A 153 4.40 -22.24 0.14
C PRO A 153 2.90 -22.26 -0.12
N GLY A 154 2.55 -22.38 -1.40
CA GLY A 154 1.17 -22.52 -1.82
C GLY A 154 0.36 -21.23 -1.89
N GLN A 155 0.99 -20.10 -1.56
CA GLN A 155 0.27 -18.84 -1.34
C GLN A 155 0.56 -17.70 -2.34
N ILE A 156 1.61 -17.85 -3.15
CA ILE A 156 2.05 -16.77 -4.03
C ILE A 156 1.50 -16.95 -5.46
N THR A 157 0.76 -15.96 -5.93
CA THR A 157 0.24 -15.96 -7.30
C THR A 157 1.05 -15.02 -8.18
N SER A 158 0.74 -15.04 -9.48
CA SER A 158 1.42 -14.20 -10.46
C SER A 158 1.11 -12.72 -10.20
N ASN A 159 0.11 -12.46 -9.36
CA ASN A 159 -0.29 -11.11 -9.01
C ASN A 159 0.31 -10.60 -7.70
N MET A 160 1.35 -11.29 -7.21
CA MET A 160 2.04 -10.92 -5.97
C MET A 160 3.54 -10.93 -6.20
N PHE A 161 4.24 -10.11 -5.42
CA PHE A 161 5.70 -10.27 -5.30
C PHE A 161 6.12 -10.06 -3.85
N CYS A 162 7.24 -10.67 -3.48
CA CYS A 162 7.84 -10.42 -2.17
C CYS A 162 8.87 -9.30 -2.29
N ALA A 163 8.95 -8.46 -1.27
CA ALA A 163 10.02 -7.45 -1.17
C ALA A 163 10.47 -7.37 0.27
N GLY A 164 11.76 -7.14 0.48
CA GLY A 164 12.29 -7.00 1.83
C GLY A 164 13.59 -7.74 2.06
N TYR A 165 13.74 -8.26 3.28
CA TYR A 165 15.02 -8.78 3.75
C TYR A 165 14.75 -10.10 4.47
N LEU A 166 15.36 -11.17 3.97
CA LEU A 166 15.15 -12.50 4.54
C LEU A 166 15.68 -12.66 5.97
N GLU A 167 16.61 -11.81 6.37
CA GLU A 167 17.13 -11.83 7.75
C GLU A 167 16.15 -11.24 8.78
N GLY A 168 15.12 -10.55 8.29
CA GLY A 168 14.14 -9.94 9.17
C GLY A 168 14.56 -8.54 9.61
N GLY A 169 13.68 -7.86 10.34
CA GLY A 169 14.00 -6.54 10.91
C GLY A 169 13.54 -5.33 10.11
N LYS A 170 13.16 -5.56 8.86
CA LYS A 170 12.75 -4.46 7.96
C LYS A 170 11.57 -4.92 7.12
N ASP A 171 10.42 -4.26 7.27
CA ASP A 171 9.20 -4.72 6.59
C ASP A 171 8.11 -3.67 6.70
N SER A 172 7.06 -3.83 5.90
CA SER A 172 5.83 -3.09 6.11
C SER A 172 5.03 -3.85 7.18
N CYS A 173 4.10 -3.18 7.83
CA CYS A 173 3.37 -3.81 8.93
C CYS A 173 1.95 -3.26 8.98
N GLN A 174 1.16 -3.70 9.97
CA GLN A 174 -0.25 -3.30 10.10
C GLN A 174 -0.43 -1.77 10.12
N GLY A 175 -1.25 -1.27 9.21
CA GLY A 175 -1.47 0.16 9.01
C GLY A 175 -0.85 0.66 7.72
N ASP A 176 0.02 -0.17 7.15
CA ASP A 176 0.69 0.16 5.89
C ASP A 176 -0.06 -0.33 4.66
N SER A 177 -0.98 -1.29 4.84
CA SER A 177 -1.75 -1.86 3.73
C SER A 177 -2.31 -0.79 2.82
N GLY A 178 -2.25 -1.07 1.52
CA GLY A 178 -2.80 -0.17 0.52
C GLY A 178 -1.81 0.88 0.05
N GLY A 179 -0.75 1.10 0.83
CA GLY A 179 0.25 2.11 0.51
C GLY A 179 1.20 1.70 -0.63
N PRO A 180 2.08 2.60 -1.02
CA PRO A 180 2.87 2.43 -2.24
C PRO A 180 4.15 1.63 -2.06
N VAL A 181 4.51 0.90 -3.10
CA VAL A 181 5.88 0.47 -3.34
C VAL A 181 6.32 1.07 -4.67
N VAL A 182 7.29 1.96 -4.61
CA VAL A 182 7.65 2.72 -5.78
C VAL A 182 9.05 2.33 -6.20
N CYS A 183 9.20 1.96 -7.45
CA CYS A 183 10.48 1.52 -7.98
C CYS A 183 10.76 2.32 -9.25
N SER A 184 11.91 3.01 -9.28
CA SER A 184 12.28 3.87 -10.39
C SER A 184 11.11 4.76 -10.83
N GLY A 185 10.46 5.41 -9.87
CA GLY A 185 9.44 6.40 -10.13
C GLY A 185 8.10 5.87 -10.61
N LYS A 186 7.90 4.55 -10.51
CA LYS A 186 6.63 3.94 -10.92
C LYS A 186 6.01 3.20 -9.75
N LEU A 187 4.68 3.20 -9.68
CA LEU A 187 3.96 2.41 -8.65
C LEU A 187 3.94 0.94 -9.05
N GLN A 188 4.84 0.14 -8.47
CA GLN A 188 4.92 -1.29 -8.83
C GLN A 188 4.21 -2.21 -7.85
N GLY A 189 3.98 -1.72 -6.63
CA GLY A 189 3.35 -2.57 -5.62
C GLY A 189 2.41 -1.84 -4.69
N ILE A 190 1.56 -2.64 -4.04
CA ILE A 190 0.65 -2.16 -3.00
C ILE A 190 0.90 -3.02 -1.77
N VAL A 191 1.06 -2.41 -0.61
CA VAL A 191 1.24 -3.19 0.62
C VAL A 191 0.02 -4.08 0.84
N SER A 192 0.26 -5.39 0.96
CA SER A 192 -0.85 -6.37 1.01
C SER A 192 -0.82 -7.24 2.26
N TRP A 193 0.13 -8.18 2.36
CA TRP A 193 0.12 -9.11 3.49
C TRP A 193 1.48 -9.70 3.81
N GLY A 194 1.52 -10.51 4.86
CA GLY A 194 2.71 -11.27 5.22
C GLY A 194 2.42 -12.15 6.41
N SER A 195 3.39 -12.98 6.77
CA SER A 195 3.29 -13.71 8.02
C SER A 195 3.94 -12.85 9.08
N GLY A 196 3.11 -12.16 9.84
CA GLY A 196 3.59 -11.13 10.77
C GLY A 196 4.31 -10.00 10.05
N CYS A 197 5.25 -9.38 10.74
CA CYS A 197 6.05 -8.30 10.17
C CYS A 197 7.51 -8.45 10.55
N ALA A 198 8.38 -8.27 9.57
CA ALA A 198 9.83 -8.22 9.80
C ALA A 198 10.42 -9.51 10.41
N GLN A 199 9.70 -10.62 10.23
CA GLN A 199 10.17 -11.91 10.73
C GLN A 199 11.18 -12.53 9.78
N LYS A 200 12.14 -13.28 10.34
CA LYS A 200 13.09 -14.02 9.53
C LYS A 200 12.37 -14.90 8.50
N ASN A 201 12.84 -14.83 7.25
CA ASN A 201 12.32 -15.62 6.12
C ASN A 201 10.81 -15.47 5.86
N LYS A 202 10.27 -14.33 6.28
CA LYS A 202 8.88 -13.98 6.00
C LYS A 202 8.79 -12.52 5.52
N PRO A 203 9.24 -12.27 4.27
CA PRO A 203 9.24 -10.92 3.71
C PRO A 203 7.81 -10.48 3.41
N GLY A 204 7.59 -9.18 3.26
CA GLY A 204 6.28 -8.67 2.91
C GLY A 204 5.87 -9.12 1.53
N VAL A 205 4.57 -9.30 1.34
CA VAL A 205 3.98 -9.64 0.05
C VAL A 205 3.17 -8.45 -0.45
N TYR A 206 3.30 -8.18 -1.74
CA TYR A 206 2.77 -6.95 -2.35
C TYR A 206 1.99 -7.27 -3.61
N THR A 207 0.93 -6.51 -3.84
CA THR A 207 0.14 -6.68 -5.07
C THR A 207 0.97 -6.14 -6.22
N LYS A 208 1.01 -6.91 -7.31
CA LYS A 208 1.85 -6.58 -8.47
CA LYS A 208 1.85 -6.58 -8.47
C LYS A 208 1.07 -5.68 -9.42
N VAL A 209 1.26 -4.37 -9.25
CA VAL A 209 0.47 -3.35 -9.94
C VAL A 209 0.57 -3.44 -11.46
N CYS A 210 1.74 -3.84 -11.99
CA CYS A 210 1.93 -3.87 -13.45
C CYS A 210 0.91 -4.77 -14.17
N ASN A 211 0.33 -5.73 -13.44
CA ASN A 211 -0.67 -6.64 -14.02
C ASN A 211 -2.04 -6.00 -14.20
N TYR A 212 -2.23 -4.81 -13.61
CA TYR A 212 -3.57 -4.20 -13.49
C TYR A 212 -3.74 -2.89 -14.22
N VAL A 213 -2.74 -2.50 -15.00
CA VAL A 213 -2.74 -1.18 -15.62
C VAL A 213 -3.95 -0.99 -16.53
N SER A 214 -4.26 -2.00 -17.35
CA SER A 214 -5.42 -1.89 -18.23
C SER A 214 -6.73 -1.81 -17.44
N TRP A 215 -6.87 -2.64 -16.41
CA TRP A 215 -8.03 -2.60 -15.53
C TRP A 215 -8.19 -1.24 -14.84
N ILE A 216 -7.08 -0.67 -14.37
CA ILE A 216 -7.11 0.65 -13.74
C ILE A 216 -7.66 1.69 -14.71
N LYS A 217 -7.07 1.73 -15.91
CA LYS A 217 -7.45 2.71 -16.92
C LYS A 217 -8.92 2.55 -17.32
N GLN A 218 -9.36 1.31 -17.50
CA GLN A 218 -10.75 1.07 -17.89
C GLN A 218 -11.70 1.45 -16.76
N THR A 219 -11.29 1.19 -15.51
CA THR A 219 -12.16 1.47 -14.37
C THR A 219 -12.30 2.98 -14.16
N ILE A 220 -11.21 3.71 -14.33
CA ILE A 220 -11.22 5.17 -14.24
C ILE A 220 -12.13 5.75 -15.32
N ALA A 221 -11.96 5.24 -16.55
CA ALA A 221 -12.77 5.74 -17.66
C ALA A 221 -14.26 5.45 -17.49
N SER A 222 -14.61 4.32 -16.89
CA SER A 222 -16.00 3.88 -16.78
CA SER A 222 -16.00 3.88 -16.77
C SER A 222 -16.75 4.49 -15.59
N ASN A 223 -16.01 5.11 -14.68
CA ASN A 223 -16.58 5.60 -13.42
C ASN A 223 -16.35 7.06 -13.12
N GLY B 3 1.43 -15.80 12.07
CA GLY B 3 0.40 -16.28 11.11
C GLY B 3 0.12 -15.30 9.99
N CYS B 4 -0.77 -15.70 9.07
CA CYS B 4 -1.05 -14.91 7.87
C CYS B 4 -2.03 -13.79 8.20
N TRP B 5 -1.58 -12.55 8.03
CA TRP B 5 -2.43 -11.37 8.24
C TRP B 5 -2.22 -10.30 7.19
N THR B 6 -3.31 -9.66 6.79
CA THR B 6 -3.23 -8.44 5.99
C THR B 6 -2.62 -7.34 6.86
N LYS B 7 -2.13 -6.29 6.22
CA LYS B 7 -1.47 -5.21 6.95
C LYS B 7 -2.35 -3.96 7.12
N SER B 8 -3.65 -4.22 7.29
CA SER B 8 -4.63 -3.19 7.65
C SER B 8 -4.77 -3.07 9.17
N ILE B 9 -5.45 -2.02 9.62
CA ILE B 9 -5.86 -1.89 11.01
C ILE B 9 -7.39 -1.96 11.09
N PRO B 10 -7.93 -3.01 11.74
CA PRO B 10 -7.14 -4.14 12.27
C PRO B 10 -6.80 -5.11 11.14
N PRO B 11 -5.85 -6.04 11.40
CA PRO B 11 -5.51 -7.06 10.42
C PRO B 11 -6.65 -8.04 10.17
N LYS B 12 -6.72 -8.51 8.92
CA LYS B 12 -7.63 -9.56 8.51
C LYS B 12 -6.81 -10.81 8.23
N PRO B 13 -7.38 -11.99 8.53
CA PRO B 13 -6.65 -13.24 8.32
C PRO B 13 -6.54 -13.57 6.84
N CYS B 14 -5.47 -14.26 6.47
CA CYS B 14 -5.37 -14.90 5.16
C CYS B 14 -5.13 -16.40 5.35
N PHE B 15 -5.31 -17.17 4.28
CA PHE B 15 -5.31 -18.63 4.37
C PHE B 15 -4.07 -19.19 5.06
N GLY B 16 -2.90 -18.74 4.60
CA GLY B 16 -1.64 -19.21 5.15
C GLY B 16 -1.26 -20.62 4.76
#